data_5DGX
#
_entry.id   5DGX
#
_cell.length_a   39.597
_cell.length_b   70.886
_cell.length_c   46.647
_cell.angle_alpha   90.00
_cell.angle_beta   103.77
_cell.angle_gamma   90.00
#
_symmetry.space_group_name_H-M   'P 1 21 1'
#
loop_
_entity.id
_entity.type
_entity.pdbx_description
1 polymer 'Lipid A export ATP-binding/permease protein MsbA'
2 non-polymer "ADENOSINE-5'-DIPHOSPHATE"
3 water water
#
_entity_poly.entity_id   1
_entity_poly.type   'polypeptide(L)'
_entity_poly.pdbx_seq_one_letter_code
;SNAEKETGSKELAKVDGNVTIKDLSFAFGEHKVLSGVSVDIKAGQTVAFVGKSGSGKTTLTSIISRFYTQHEGEILLDGV
DTRELTLENLRSHLSIVSQNVHLFDDTVYNNIAFGLSREVSEEEVIDALKRANAYEFVQELSDGINTNIGNNGSKLSGGQ
RQRISIARALLKNAPVLIFDEATSALDNESERVVQQALESLTKSCTTIVIAHRLSTVENADKIVVMDGGRVVESGKHQEL
LEQGGLYTRLYQSGLQ
;
_entity_poly.pdbx_strand_id   A
#
# COMPACT_ATOMS: atom_id res chain seq x y z
N LYS A 5 -8.50 13.15 21.31
CA LYS A 5 -7.50 14.04 20.62
C LYS A 5 -6.59 13.32 19.64
N GLU A 6 -6.32 14.02 18.55
N GLU A 6 -6.35 13.98 18.52
CA GLU A 6 -5.45 13.56 17.50
CA GLU A 6 -5.39 13.53 17.53
C GLU A 6 -4.67 14.81 17.10
C GLU A 6 -4.69 14.80 17.06
N THR A 7 -3.58 14.63 16.37
CA THR A 7 -2.77 15.73 15.89
C THR A 7 -3.48 16.63 14.88
N GLY A 8 -4.39 16.05 14.09
CA GLY A 8 -5.02 16.81 13.02
C GLY A 8 -6.53 16.90 13.07
N SER A 9 -7.04 18.00 12.53
CA SER A 9 -8.48 18.25 12.46
C SER A 9 -9.02 18.46 11.03
N LYS A 10 -8.13 18.49 10.03
CA LYS A 10 -8.54 18.80 8.67
C LYS A 10 -9.15 17.59 7.99
N GLU A 11 -10.22 17.85 7.25
CA GLU A 11 -10.91 16.80 6.49
C GLU A 11 -10.90 17.16 5.00
N LEU A 12 -9.88 16.71 4.28
CA LEU A 12 -9.82 16.94 2.81
C LEU A 12 -11.01 16.26 2.10
N ALA A 13 -11.76 17.03 1.32
CA ALA A 13 -12.93 16.48 0.67
C ALA A 13 -12.59 15.71 -0.59
N LYS A 14 -11.73 16.27 -1.43
CA LYS A 14 -11.38 15.65 -2.70
C LYS A 14 -9.88 15.64 -2.84
N VAL A 15 -9.34 14.43 -3.00
CA VAL A 15 -7.90 14.19 -3.11
C VAL A 15 -7.53 13.60 -4.48
N ASP A 16 -6.58 14.24 -5.16
CA ASP A 16 -6.12 13.82 -6.47
C ASP A 16 -5.14 12.64 -6.39
N GLY A 17 -4.30 12.63 -5.35
CA GLY A 17 -3.39 11.52 -5.15
C GLY A 17 -1.90 11.80 -5.27
N ASN A 18 -1.49 13.05 -5.14
CA ASN A 18 -0.10 13.41 -5.12
C ASN A 18 0.40 13.10 -3.73
N VAL A 19 1.50 12.36 -3.65
CA VAL A 19 2.06 11.98 -2.36
C VAL A 19 3.51 12.44 -2.36
N THR A 20 3.90 13.21 -1.35
CA THR A 20 5.24 13.73 -1.22
C THR A 20 5.84 13.22 0.08
N ILE A 21 6.95 12.51 -0.02
CA ILE A 21 7.68 12.03 1.16
C ILE A 21 8.95 12.88 1.17
N LYS A 22 9.26 13.51 2.29
CA LYS A 22 10.41 14.42 2.37
C LYS A 22 11.20 14.23 3.67
N ASP A 23 12.50 14.02 3.52
CA ASP A 23 13.44 13.84 4.63
C ASP A 23 12.93 12.87 5.70
N LEU A 24 12.26 11.79 5.28
CA LEU A 24 11.63 10.89 6.23
C LEU A 24 12.63 9.96 6.91
N SER A 25 12.67 9.97 8.23
CA SER A 25 13.52 9.08 9.03
C SER A 25 12.70 8.39 10.11
N PHE A 26 13.14 7.21 10.48
CA PHE A 26 12.50 6.43 11.51
C PHE A 26 13.49 5.42 12.08
N ALA A 27 13.31 5.10 13.35
CA ALA A 27 14.15 4.12 14.04
C ALA A 27 13.33 3.27 14.98
N PHE A 28 13.76 2.02 15.16
CA PHE A 28 13.26 1.13 16.21
C PHE A 28 14.39 1.14 17.23
N GLY A 29 14.21 1.87 18.33
CA GLY A 29 15.30 2.01 19.32
C GLY A 29 16.52 2.66 18.68
N GLU A 30 17.67 2.04 18.79
CA GLU A 30 18.86 2.60 18.16
C GLU A 30 19.07 2.11 16.72
N HIS A 31 18.13 1.28 16.21
CA HIS A 31 18.23 0.77 14.83
C HIS A 31 17.51 1.71 13.90
N LYS A 32 18.28 2.56 13.20
CA LYS A 32 17.74 3.52 12.23
C LYS A 32 17.38 2.77 10.95
N VAL A 33 16.09 2.64 10.66
CA VAL A 33 15.62 1.84 9.52
C VAL A 33 15.21 2.65 8.28
N LEU A 34 15.07 3.95 8.45
CA LEU A 34 14.79 4.88 7.37
C LEU A 34 15.63 6.12 7.67
N SER A 35 16.38 6.59 6.67
N SER A 35 16.38 6.59 6.67
CA SER A 35 17.25 7.76 6.81
CA SER A 35 17.17 7.79 6.82
C SER A 35 17.08 8.77 5.65
C SER A 35 17.02 8.76 5.64
N GLY A 36 16.40 9.90 5.92
CA GLY A 36 16.21 10.95 4.95
C GLY A 36 15.62 10.55 3.63
N VAL A 37 14.57 9.74 3.67
CA VAL A 37 13.94 9.30 2.45
C VAL A 37 13.11 10.42 1.86
N SER A 38 13.32 10.64 0.57
CA SER A 38 12.59 11.65 -0.14
C SER A 38 12.11 11.11 -1.49
N VAL A 39 10.80 11.16 -1.74
CA VAL A 39 10.22 10.69 -3.01
C VAL A 39 8.99 11.53 -3.33
N ASP A 40 8.84 11.98 -4.57
CA ASP A 40 7.63 12.76 -4.93
C ASP A 40 6.89 11.92 -5.96
N ILE A 41 5.66 11.56 -5.61
CA ILE A 41 4.83 10.71 -6.42
C ILE A 41 3.69 11.56 -6.96
N LYS A 42 3.61 11.72 -8.28
N LYS A 42 3.61 11.67 -8.28
CA LYS A 42 2.55 12.53 -8.85
CA LYS A 42 2.58 12.46 -8.93
C LYS A 42 1.28 11.69 -9.00
C LYS A 42 1.27 11.66 -9.02
N ALA A 43 0.14 12.33 -8.89
CA ALA A 43 -1.16 11.66 -9.00
C ALA A 43 -1.22 10.77 -10.21
N GLY A 44 -1.65 9.53 -10.00
CA GLY A 44 -1.78 8.59 -11.08
C GLY A 44 -0.57 7.75 -11.41
N GLN A 45 0.60 8.09 -10.87
CA GLN A 45 1.76 7.30 -11.18
C GLN A 45 1.76 5.99 -10.38
N THR A 46 2.52 5.02 -10.88
CA THR A 46 2.81 3.77 -10.18
C THR A 46 4.31 3.85 -9.87
N VAL A 47 4.62 3.87 -8.59
CA VAL A 47 6.02 3.91 -8.10
C VAL A 47 6.31 2.63 -7.34
N ALA A 48 7.33 1.91 -7.80
CA ALA A 48 7.72 0.64 -7.22
C ALA A 48 8.90 0.83 -6.29
N PHE A 49 8.78 0.34 -5.06
CA PHE A 49 9.86 0.40 -4.09
C PHE A 49 10.49 -0.99 -4.05
N VAL A 50 11.84 -1.06 -4.21
CA VAL A 50 12.53 -2.30 -4.21
C VAL A 50 13.76 -2.21 -3.31
N GLY A 51 14.21 -3.36 -2.87
CA GLY A 51 15.38 -3.40 -1.99
C GLY A 51 15.41 -4.73 -1.28
N LYS A 52 16.58 -5.09 -0.78
CA LYS A 52 16.70 -6.31 -0.03
C LYS A 52 15.80 -6.29 1.20
N SER A 53 15.36 -7.46 1.63
CA SER A 53 14.59 -7.58 2.87
C SER A 53 15.30 -6.74 3.92
N GLY A 54 14.54 -6.04 4.75
CA GLY A 54 15.10 -5.17 5.80
C GLY A 54 15.52 -3.76 5.40
N SER A 55 15.29 -3.39 4.13
N SER A 55 15.31 -3.38 4.15
CA SER A 55 15.66 -2.07 3.63
CA SER A 55 15.70 -2.06 3.68
C SER A 55 14.74 -0.94 4.12
C SER A 55 14.74 -0.93 4.12
N GLY A 56 13.63 -1.29 4.79
CA GLY A 56 12.69 -0.29 5.34
C GLY A 56 11.42 -0.06 4.56
N LYS A 57 11.17 -0.90 3.57
CA LYS A 57 10.03 -0.72 2.64
C LYS A 57 8.66 -0.81 3.34
N THR A 58 8.45 -1.87 4.12
CA THR A 58 7.20 -2.09 4.83
C THR A 58 6.98 -0.96 5.84
N THR A 59 8.05 -0.62 6.56
CA THR A 59 7.97 0.40 7.59
C THR A 59 7.61 1.74 6.96
N LEU A 60 8.20 2.04 5.80
CA LEU A 60 7.85 3.29 5.09
C LEU A 60 6.34 3.34 4.79
N THR A 61 5.81 2.25 4.26
CA THR A 61 4.40 2.21 3.87
C THR A 61 3.52 2.30 5.08
N SER A 62 3.94 1.68 6.18
CA SER A 62 3.16 1.76 7.43
C SER A 62 3.05 3.19 7.96
N ILE A 63 4.18 3.92 7.87
CA ILE A 63 4.27 5.30 8.28
C ILE A 63 3.26 6.13 7.48
N ILE A 64 3.07 5.83 6.21
CA ILE A 64 2.09 6.56 5.43
C ILE A 64 0.68 6.48 6.02
N SER A 65 0.27 5.29 6.52
CA SER A 65 -1.05 5.11 7.11
C SER A 65 -1.08 5.54 8.59
N ARG A 66 0.07 6.04 9.07
CA ARG A 66 0.27 6.44 10.46
C ARG A 66 0.19 5.26 11.45
N PHE A 67 0.53 4.06 10.98
CA PHE A 67 0.67 2.88 11.86
C PHE A 67 1.92 3.04 12.74
N TYR A 68 2.84 3.90 12.29
CA TYR A 68 4.06 4.33 13.02
C TYR A 68 4.23 5.81 12.67
N THR A 69 4.95 6.54 13.50
CA THR A 69 5.14 7.97 13.32
C THR A 69 6.62 8.26 13.04
N GLN A 70 6.88 8.98 11.96
CA GLN A 70 8.26 9.31 11.60
C GLN A 70 8.96 10.17 12.67
N HIS A 71 10.27 9.97 12.83
CA HIS A 71 11.07 10.75 13.75
C HIS A 71 11.44 12.11 13.17
N GLU A 72 11.52 12.17 11.84
CA GLU A 72 11.84 13.39 11.11
C GLU A 72 11.16 13.29 9.75
N GLY A 73 10.94 14.45 9.15
CA GLY A 73 10.40 14.53 7.80
C GLY A 73 8.91 14.55 7.75
N GLU A 74 8.36 14.59 6.53
CA GLU A 74 6.92 14.62 6.36
C GLU A 74 6.37 13.82 5.17
N ILE A 75 5.08 13.54 5.25
CA ILE A 75 4.36 12.88 4.21
C ILE A 75 3.24 13.89 3.89
N LEU A 76 3.19 14.34 2.64
CA LEU A 76 2.15 15.28 2.20
C LEU A 76 1.18 14.56 1.24
N LEU A 77 -0.10 14.81 1.41
CA LEU A 77 -1.13 14.31 0.53
C LEU A 77 -1.73 15.56 -0.12
N ASP A 78 -1.58 15.68 -1.42
CA ASP A 78 -1.94 16.90 -2.13
C ASP A 78 -1.36 18.13 -1.43
N GLY A 79 -0.12 18.01 -0.97
CA GLY A 79 0.58 19.10 -0.30
C GLY A 79 0.27 19.38 1.16
N VAL A 80 -0.68 18.65 1.74
CA VAL A 80 -1.07 18.81 3.16
C VAL A 80 -0.40 17.73 3.98
N ASP A 81 0.26 18.14 5.06
CA ASP A 81 0.93 17.18 5.94
C ASP A 81 -0.14 16.20 6.48
N THR A 82 0.14 14.91 6.40
CA THR A 82 -0.86 13.90 6.79
C THR A 82 -1.24 14.01 8.25
N ARG A 83 -0.30 14.48 9.06
CA ARG A 83 -0.55 14.65 10.51
C ARG A 83 -1.55 15.77 10.81
N GLU A 84 -1.79 16.66 9.86
CA GLU A 84 -2.82 17.71 9.99
C GLU A 84 -4.22 17.23 9.65
N LEU A 85 -4.35 16.03 9.09
CA LEU A 85 -5.67 15.48 8.76
C LEU A 85 -6.21 14.61 9.87
N THR A 86 -7.52 14.49 9.99
CA THR A 86 -8.02 13.47 10.92
C THR A 86 -7.57 12.10 10.36
N LEU A 87 -7.41 11.12 11.25
CA LEU A 87 -7.02 9.78 10.83
C LEU A 87 -8.11 9.16 9.98
N GLU A 88 -9.39 9.40 10.32
CA GLU A 88 -10.46 8.87 9.51
C GLU A 88 -10.37 9.46 8.10
N ASN A 89 -10.08 10.75 7.98
CA ASN A 89 -10.00 11.35 6.66
C ASN A 89 -8.82 10.81 5.87
N LEU A 90 -7.66 10.80 6.50
CA LEU A 90 -6.47 10.29 5.87
C LEU A 90 -6.71 8.89 5.26
N ARG A 91 -7.20 7.99 6.10
CA ARG A 91 -7.41 6.62 5.70
C ARG A 91 -8.51 6.44 4.68
N SER A 92 -9.45 7.40 4.65
CA SER A 92 -10.49 7.37 3.66
C SER A 92 -9.90 7.51 2.23
N HIS A 93 -8.70 8.09 2.13
CA HIS A 93 -8.06 8.34 0.83
C HIS A 93 -7.13 7.22 0.42
N LEU A 94 -6.93 6.26 1.32
CA LEU A 94 -5.99 5.16 1.10
C LEU A 94 -6.65 3.79 1.02
N SER A 95 -6.13 2.93 0.14
CA SER A 95 -6.49 1.52 0.12
C SER A 95 -5.20 0.73 0.34
N ILE A 96 -5.22 -0.21 1.27
N ILE A 96 -5.20 -0.18 1.30
CA ILE A 96 -4.04 -1.04 1.55
CA ILE A 96 -4.05 -1.06 1.56
C ILE A 96 -4.32 -2.46 1.06
C ILE A 96 -4.33 -2.45 1.03
N VAL A 97 -3.38 -3.00 0.27
CA VAL A 97 -3.46 -4.38 -0.21
C VAL A 97 -2.20 -5.08 0.32
N SER A 98 -2.39 -6.06 1.19
CA SER A 98 -1.29 -6.84 1.82
C SER A 98 -1.90 -8.07 2.50
N GLN A 99 -1.07 -8.88 3.16
CA GLN A 99 -1.59 -10.02 3.91
C GLN A 99 -1.89 -9.63 5.34
N ASN A 100 -1.52 -8.40 5.68
CA ASN A 100 -1.54 -7.95 7.06
C ASN A 100 -2.53 -6.83 7.33
N VAL A 101 -3.52 -6.65 6.46
CA VAL A 101 -4.48 -5.58 6.69
C VAL A 101 -5.41 -6.01 7.83
N HIS A 102 -5.73 -5.07 8.72
CA HIS A 102 -6.59 -5.38 9.83
C HIS A 102 -7.96 -5.80 9.33
N LEU A 103 -8.43 -6.95 9.78
CA LEU A 103 -9.77 -7.42 9.46
C LEU A 103 -10.53 -7.55 10.75
N PHE A 104 -11.84 -7.31 10.66
CA PHE A 104 -12.74 -7.32 11.81
C PHE A 104 -13.29 -8.72 11.97
N ASP A 105 -13.55 -9.13 13.22
CA ASP A 105 -14.15 -10.43 13.52
C ASP A 105 -15.63 -10.30 13.13
N ASP A 106 -15.86 -10.34 11.82
CA ASP A 106 -17.16 -10.10 11.24
C ASP A 106 -17.22 -10.90 9.94
N THR A 107 -18.32 -10.79 9.20
CA THR A 107 -18.49 -11.52 7.94
C THR A 107 -17.58 -11.00 6.82
N VAL A 108 -17.45 -11.82 5.77
CA VAL A 108 -16.74 -11.41 4.57
C VAL A 108 -17.41 -10.16 4.04
N TYR A 109 -18.74 -10.21 3.91
CA TYR A 109 -19.48 -9.05 3.43
C TYR A 109 -19.21 -7.77 4.20
N ASN A 110 -19.38 -7.79 5.51
CA ASN A 110 -19.19 -6.58 6.32
C ASN A 110 -17.75 -6.08 6.30
N ASN A 111 -16.78 -6.98 6.20
CA ASN A 111 -15.39 -6.55 6.10
C ASN A 111 -15.14 -5.80 4.78
N ILE A 112 -15.85 -6.17 3.73
CA ILE A 112 -15.65 -5.52 2.44
C ILE A 112 -16.43 -4.22 2.39
N ALA A 113 -17.63 -4.23 2.94
CA ALA A 113 -18.54 -3.07 2.94
C ALA A 113 -18.15 -1.93 3.88
N PHE A 114 -17.60 -2.27 5.04
CA PHE A 114 -17.19 -1.29 6.08
C PHE A 114 -16.39 -0.09 5.54
N GLY A 115 -16.87 1.12 5.80
CA GLY A 115 -16.18 2.36 5.37
C GLY A 115 -16.70 2.97 4.08
N GLU A 119 -22.64 2.60 0.44
CA GLU A 119 -23.36 1.36 0.70
C GLU A 119 -23.36 0.46 -0.55
N VAL A 120 -22.84 -0.76 -0.43
CA VAL A 120 -22.74 -1.70 -1.55
C VAL A 120 -23.72 -2.88 -1.41
N SER A 121 -24.25 -3.33 -2.55
CA SER A 121 -25.18 -4.46 -2.62
C SER A 121 -24.39 -5.74 -2.48
N GLU A 122 -25.06 -6.84 -2.13
CA GLU A 122 -24.41 -8.15 -2.01
C GLU A 122 -23.82 -8.57 -3.38
N GLU A 123 -24.55 -8.29 -4.46
CA GLU A 123 -24.05 -8.62 -5.81
C GLU A 123 -22.82 -7.77 -6.20
N GLU A 124 -22.76 -6.52 -5.72
CA GLU A 124 -21.57 -5.66 -5.93
C GLU A 124 -20.34 -6.31 -5.26
N VAL A 125 -20.55 -6.85 -4.05
CA VAL A 125 -19.46 -7.52 -3.31
C VAL A 125 -19.02 -8.86 -3.95
N ILE A 126 -20.00 -9.67 -4.38
CA ILE A 126 -19.69 -10.92 -5.06
C ILE A 126 -18.85 -10.66 -6.31
N ASP A 127 -19.27 -9.67 -7.10
CA ASP A 127 -18.59 -9.26 -8.34
C ASP A 127 -17.12 -8.89 -8.03
N ALA A 128 -16.87 -8.16 -6.95
CA ALA A 128 -15.48 -7.77 -6.56
C ALA A 128 -14.65 -8.97 -6.10
N LEU A 129 -15.28 -9.86 -5.35
CA LEU A 129 -14.64 -11.09 -4.87
C LEU A 129 -14.14 -11.95 -6.04
N LYS A 130 -14.94 -12.02 -7.09
CA LYS A 130 -14.58 -12.78 -8.27
C LYS A 130 -13.40 -12.12 -8.97
N ARG A 131 -13.48 -10.81 -9.17
CA ARG A 131 -12.40 -10.07 -9.85
C ARG A 131 -11.10 -10.15 -9.07
N ALA A 132 -11.23 -10.27 -7.75
CA ALA A 132 -10.09 -10.45 -6.84
C ALA A 132 -9.65 -11.91 -6.72
N ASN A 133 -10.42 -12.81 -7.37
CA ASN A 133 -10.21 -14.28 -7.33
C ASN A 133 -10.36 -14.82 -5.92
N ALA A 134 -11.29 -14.22 -5.19
CA ALA A 134 -11.52 -14.52 -3.78
C ALA A 134 -12.79 -15.32 -3.56
N TYR A 135 -13.71 -15.27 -4.52
CA TYR A 135 -14.98 -15.96 -4.38
C TYR A 135 -14.80 -17.48 -4.36
N GLU A 136 -13.72 -17.96 -4.98
CA GLU A 136 -13.45 -19.41 -5.01
C GLU A 136 -13.33 -20.02 -3.61
N PHE A 137 -12.67 -19.34 -2.66
CA PHE A 137 -12.62 -19.84 -1.30
C PHE A 137 -13.82 -19.37 -0.49
N VAL A 138 -14.32 -18.19 -0.82
CA VAL A 138 -15.47 -17.61 -0.10
C VAL A 138 -16.73 -18.43 -0.38
N GLN A 139 -16.89 -18.91 -1.62
CA GLN A 139 -18.03 -19.77 -1.92
C GLN A 139 -18.01 -20.95 -0.95
N GLU A 140 -16.87 -21.65 -0.91
CA GLU A 140 -16.70 -22.83 -0.05
C GLU A 140 -16.88 -22.57 1.44
N LEU A 141 -17.02 -21.31 1.86
CA LEU A 141 -17.24 -21.00 3.26
C LEU A 141 -18.67 -21.40 3.61
N SER A 142 -18.89 -21.76 4.87
CA SER A 142 -20.20 -22.28 5.30
C SER A 142 -21.39 -21.38 4.97
N ASP A 143 -21.20 -20.07 5.10
CA ASP A 143 -22.28 -19.11 4.86
C ASP A 143 -21.94 -18.17 3.71
N GLY A 144 -21.06 -18.62 2.82
CA GLY A 144 -20.62 -17.80 1.71
C GLY A 144 -20.11 -16.47 2.23
N ILE A 145 -20.60 -15.39 1.62
CA ILE A 145 -20.22 -14.03 1.97
C ILE A 145 -20.66 -13.61 3.37
N ASN A 146 -21.59 -14.35 3.94
CA ASN A 146 -22.06 -14.07 5.29
C ASN A 146 -21.34 -14.90 6.34
N THR A 147 -20.20 -15.51 5.97
CA THR A 147 -19.41 -16.31 6.92
C THR A 147 -18.49 -15.42 7.76
N ASN A 148 -18.47 -15.64 9.07
CA ASN A 148 -17.57 -14.88 9.95
C ASN A 148 -16.14 -15.33 9.73
N ILE A 149 -15.19 -14.39 9.66
CA ILE A 149 -13.77 -14.74 9.35
C ILE A 149 -12.79 -14.74 10.53
N GLY A 150 -13.33 -14.56 11.73
CA GLY A 150 -12.55 -14.59 12.96
C GLY A 150 -11.74 -13.35 13.28
N ASN A 151 -11.20 -13.34 14.49
CA ASN A 151 -10.32 -12.28 14.98
C ASN A 151 -9.22 -12.02 13.97
N ASN A 152 -9.06 -10.77 13.54
CA ASN A 152 -8.05 -10.42 12.55
C ASN A 152 -8.11 -11.28 11.30
N GLY A 153 -9.30 -11.77 10.93
CA GLY A 153 -9.42 -12.63 9.75
C GLY A 153 -8.66 -13.94 9.86
N SER A 154 -8.50 -14.43 11.09
CA SER A 154 -7.69 -15.62 11.37
C SER A 154 -8.23 -16.93 10.76
N LYS A 155 -9.49 -16.95 10.32
CA LYS A 155 -9.99 -18.13 9.63
C LYS A 155 -9.47 -18.18 8.19
N LEU A 156 -8.77 -17.13 7.76
CA LEU A 156 -8.20 -17.02 6.43
C LEU A 156 -6.69 -16.99 6.54
N SER A 157 -6.01 -17.59 5.57
CA SER A 157 -4.56 -17.54 5.51
C SER A 157 -4.15 -16.22 4.85
N GLY A 158 -2.86 -15.94 4.83
CA GLY A 158 -2.33 -14.69 4.27
C GLY A 158 -2.79 -14.33 2.88
N GLY A 159 -2.69 -15.27 1.96
CA GLY A 159 -3.06 -15.07 0.56
C GLY A 159 -4.55 -14.83 0.44
N GLN A 160 -5.32 -15.43 1.32
CA GLN A 160 -6.78 -15.24 1.29
C GLN A 160 -7.10 -13.85 1.82
N ARG A 161 -6.44 -13.46 2.90
CA ARG A 161 -6.64 -12.12 3.46
C ARG A 161 -6.30 -11.02 2.43
N GLN A 162 -5.25 -11.24 1.66
CA GLN A 162 -4.80 -10.26 0.65
C GLN A 162 -5.85 -10.11 -0.40
N ARG A 163 -6.46 -11.23 -0.78
CA ARG A 163 -7.51 -11.21 -1.79
C ARG A 163 -8.77 -10.49 -1.31
N ILE A 164 -9.08 -10.60 -0.03
CA ILE A 164 -10.18 -9.81 0.54
C ILE A 164 -9.84 -8.30 0.45
N SER A 165 -8.60 -7.93 0.78
CA SER A 165 -8.16 -6.52 0.68
C SER A 165 -8.27 -6.03 -0.78
N ILE A 166 -8.01 -6.91 -1.74
CA ILE A 166 -8.16 -6.50 -3.14
C ILE A 166 -9.62 -6.21 -3.50
N ALA A 167 -10.54 -7.09 -3.07
CA ALA A 167 -11.97 -6.88 -3.32
C ALA A 167 -12.44 -5.53 -2.75
N ARG A 168 -11.99 -5.23 -1.54
CA ARG A 168 -12.29 -3.96 -0.90
C ARG A 168 -11.69 -2.77 -1.70
N ALA A 169 -10.44 -2.90 -2.16
CA ALA A 169 -9.82 -1.85 -2.96
C ALA A 169 -10.61 -1.62 -4.29
N LEU A 170 -11.17 -2.68 -4.87
CA LEU A 170 -11.88 -2.58 -6.16
C LEU A 170 -13.14 -1.74 -5.98
N LEU A 171 -13.70 -1.80 -4.78
CA LEU A 171 -14.92 -1.08 -4.46
C LEU A 171 -14.71 0.31 -3.92
N LYS A 172 -13.69 0.48 -3.08
CA LYS A 172 -13.42 1.78 -2.45
C LYS A 172 -13.05 2.91 -3.43
N ASN A 173 -12.34 2.55 -4.50
N ASN A 173 -12.35 2.55 -4.51
CA ASN A 173 -11.88 3.52 -5.49
CA ASN A 173 -11.89 3.51 -5.50
C ASN A 173 -11.06 4.64 -4.85
C ASN A 173 -11.05 4.63 -4.86
N ALA A 174 -10.15 4.27 -3.93
CA ALA A 174 -9.34 5.28 -3.25
C ALA A 174 -8.33 5.94 -4.18
N PRO A 175 -8.03 7.22 -3.96
CA PRO A 175 -7.05 7.86 -4.87
C PRO A 175 -5.61 7.35 -4.70
N VAL A 176 -5.30 6.73 -3.56
CA VAL A 176 -3.96 6.19 -3.31
C VAL A 176 -4.04 4.72 -2.89
N LEU A 177 -3.28 3.86 -3.58
CA LEU A 177 -3.25 2.46 -3.31
C LEU A 177 -1.86 2.09 -2.83
N ILE A 178 -1.78 1.46 -1.65
CA ILE A 178 -0.52 0.97 -1.07
C ILE A 178 -0.59 -0.54 -1.18
N PHE A 179 0.26 -1.09 -2.04
N PHE A 179 0.26 -1.10 -2.04
CA PHE A 179 0.21 -2.49 -2.42
CA PHE A 179 0.21 -2.50 -2.45
C PHE A 179 1.50 -3.23 -2.07
C PHE A 179 1.49 -3.27 -2.14
N ASP A 180 1.37 -4.28 -1.27
CA ASP A 180 2.54 -5.11 -0.91
C ASP A 180 2.43 -6.37 -1.74
N GLU A 181 3.33 -6.50 -2.71
CA GLU A 181 3.34 -7.55 -3.71
C GLU A 181 4.28 -8.70 -3.34
N LEU A 198 -6.03 -5.53 -10.33
CA LEU A 198 -4.58 -5.28 -10.23
C LEU A 198 -4.21 -4.22 -11.26
N GLU A 199 -4.00 -4.61 -12.52
CA GLU A 199 -3.81 -3.61 -13.60
C GLU A 199 -5.10 -2.79 -13.64
N SER A 200 -6.17 -3.40 -13.12
CA SER A 200 -7.44 -2.76 -12.93
C SER A 200 -7.20 -1.48 -12.13
N LEU A 201 -6.95 -1.61 -10.83
CA LEU A 201 -6.71 -0.44 -9.99
C LEU A 201 -5.39 0.24 -10.24
N THR A 202 -4.30 -0.53 -10.16
CA THR A 202 -2.93 0.04 -10.14
C THR A 202 -2.81 1.17 -11.13
N LYS A 203 -3.29 0.94 -12.34
CA LYS A 203 -3.29 1.95 -13.38
C LYS A 203 -4.11 3.20 -13.04
N SER A 204 -5.40 3.03 -12.69
CA SER A 204 -6.32 4.19 -12.48
C SER A 204 -6.28 4.97 -11.13
N CYS A 205 -5.18 4.87 -10.38
CA CYS A 205 -5.00 5.61 -9.12
C CYS A 205 -3.53 5.80 -8.94
N THR A 206 -3.11 6.45 -7.85
CA THR A 206 -1.68 6.54 -7.53
C THR A 206 -1.36 5.22 -6.84
N THR A 207 -0.32 4.52 -7.29
CA THR A 207 0.06 3.24 -6.66
C THR A 207 1.45 3.27 -6.12
N ILE A 208 1.56 2.99 -4.82
CA ILE A 208 2.84 2.82 -4.15
C ILE A 208 2.92 1.30 -3.95
N VAL A 209 3.83 0.67 -4.68
CA VAL A 209 3.96 -0.78 -4.64
C VAL A 209 5.34 -1.24 -4.15
N ILE A 210 5.32 -2.14 -3.18
CA ILE A 210 6.50 -2.82 -2.71
C ILE A 210 6.56 -3.98 -3.69
N ALA A 211 7.50 -3.88 -4.63
CA ALA A 211 7.53 -4.81 -5.76
C ALA A 211 8.35 -6.07 -5.59
N HIS A 212 7.72 -7.19 -5.94
CA HIS A 212 8.38 -8.48 -5.96
C HIS A 212 8.27 -9.21 -7.29
N ARG A 213 7.56 -8.63 -8.28
CA ARG A 213 7.41 -9.20 -9.59
C ARG A 213 8.22 -8.41 -10.59
N LEU A 214 8.93 -9.11 -11.50
CA LEU A 214 9.72 -8.42 -12.52
C LEU A 214 8.82 -7.54 -13.44
N SER A 215 7.61 -8.02 -13.71
CA SER A 215 6.66 -7.26 -14.55
C SER A 215 6.24 -5.93 -13.91
N THR A 216 6.27 -5.87 -12.59
CA THR A 216 5.86 -4.66 -11.91
C THR A 216 6.92 -3.60 -12.11
N VAL A 217 8.19 -3.95 -11.91
CA VAL A 217 9.23 -2.95 -12.12
C VAL A 217 9.45 -2.60 -13.58
N GLU A 218 9.30 -3.57 -14.48
CA GLU A 218 9.43 -3.33 -15.92
C GLU A 218 8.44 -2.29 -16.43
N ASN A 219 7.26 -2.20 -15.81
CA ASN A 219 6.23 -1.27 -16.27
C ASN A 219 5.99 -0.03 -15.36
N ALA A 220 6.71 0.05 -14.25
CA ALA A 220 6.51 1.13 -13.29
C ALA A 220 6.90 2.49 -13.87
N ASP A 221 6.16 3.52 -13.47
CA ASP A 221 6.49 4.87 -13.90
C ASP A 221 7.80 5.32 -13.27
N LYS A 222 8.07 4.86 -12.06
CA LYS A 222 9.30 5.21 -11.34
C LYS A 222 9.64 4.07 -10.35
N ILE A 223 10.91 3.77 -10.21
CA ILE A 223 11.39 2.76 -9.25
C ILE A 223 12.27 3.50 -8.28
N VAL A 224 12.03 3.23 -6.98
CA VAL A 224 12.81 3.79 -5.90
C VAL A 224 13.53 2.59 -5.28
N VAL A 225 14.85 2.64 -5.34
CA VAL A 225 15.72 1.61 -4.84
C VAL A 225 16.22 1.96 -3.44
N MET A 226 15.82 1.15 -2.47
CA MET A 226 16.22 1.35 -1.07
C MET A 226 17.35 0.38 -0.63
N ASP A 227 18.20 0.86 0.27
CA ASP A 227 19.27 0.04 0.84
C ASP A 227 19.55 0.62 2.20
N GLY A 228 19.34 -0.20 3.21
CA GLY A 228 19.57 0.21 4.58
C GLY A 228 18.80 1.45 4.96
N GLY A 229 17.58 1.59 4.46
CA GLY A 229 16.74 2.72 4.80
C GLY A 229 17.00 3.97 4.01
N ARG A 230 17.91 3.89 3.02
CA ARG A 230 18.28 5.04 2.23
C ARG A 230 17.91 4.82 0.77
N VAL A 231 17.45 5.88 0.10
CA VAL A 231 17.20 5.82 -1.34
C VAL A 231 18.54 5.97 -2.02
N VAL A 232 18.97 4.96 -2.77
CA VAL A 232 20.28 5.01 -3.43
C VAL A 232 20.21 5.18 -4.94
N GLU A 233 19.09 4.78 -5.53
CA GLU A 233 18.86 4.96 -6.96
C GLU A 233 17.38 5.24 -7.17
N SER A 234 17.08 5.89 -8.30
CA SER A 234 15.68 6.17 -8.67
C SER A 234 15.59 6.42 -10.15
N GLY A 235 14.57 5.89 -10.79
CA GLY A 235 14.34 6.07 -12.22
C GLY A 235 13.48 4.96 -12.83
N LYS A 236 13.54 4.82 -14.15
CA LYS A 236 12.80 3.77 -14.85
C LYS A 236 13.68 2.56 -15.05
N HIS A 237 13.02 1.42 -15.24
CA HIS A 237 13.70 0.14 -15.41
C HIS A 237 14.84 0.12 -16.41
N GLN A 238 14.60 0.59 -17.63
CA GLN A 238 15.65 0.53 -18.65
C GLN A 238 16.91 1.25 -18.24
N GLU A 239 16.79 2.51 -17.83
CA GLU A 239 17.97 3.26 -17.41
C GLU A 239 18.64 2.67 -16.17
N LEU A 240 17.85 2.26 -15.16
CA LEU A 240 18.43 1.65 -13.95
C LEU A 240 19.12 0.33 -14.24
N LEU A 241 18.50 -0.49 -15.10
CA LEU A 241 19.10 -1.80 -15.42
C LEU A 241 20.49 -1.62 -16.04
N GLU A 242 20.60 -0.65 -16.95
CA GLU A 242 21.87 -0.31 -17.64
C GLU A 242 22.94 0.20 -16.73
N GLN A 243 22.56 0.85 -15.66
CA GLN A 243 23.56 1.39 -14.73
C GLN A 243 24.49 0.33 -14.09
N GLY A 244 24.06 -0.93 -14.05
CA GLY A 244 24.86 -2.03 -13.48
C GLY A 244 25.08 -1.84 -11.99
N GLY A 245 24.11 -1.26 -11.30
CA GLY A 245 24.20 -0.98 -9.89
C GLY A 245 23.34 -1.88 -9.02
N LEU A 246 22.83 -1.32 -7.92
CA LEU A 246 22.01 -2.11 -6.98
C LEU A 246 20.77 -2.65 -7.67
N TYR A 247 20.02 -1.80 -8.39
CA TYR A 247 18.83 -2.27 -9.10
C TYR A 247 19.13 -3.44 -10.02
N THR A 248 20.24 -3.36 -10.76
CA THR A 248 20.61 -4.42 -11.67
C THR A 248 20.72 -5.71 -10.90
N ARG A 249 21.40 -5.65 -9.76
CA ARG A 249 21.57 -6.84 -8.93
C ARG A 249 20.27 -7.36 -8.38
N LEU A 250 19.40 -6.45 -7.94
CA LEU A 250 18.08 -6.83 -7.42
C LEU A 250 17.19 -7.49 -8.50
N TYR A 251 17.21 -6.89 -9.69
CA TYR A 251 16.43 -7.42 -10.81
C TYR A 251 16.94 -8.83 -11.16
N GLN A 252 18.26 -8.97 -11.26
CA GLN A 252 18.89 -10.28 -11.60
C GLN A 252 18.57 -11.38 -10.59
N SER A 253 18.49 -11.02 -9.31
CA SER A 253 18.17 -11.99 -8.26
C SER A 253 16.63 -12.17 -8.02
N GLY A 254 15.79 -11.56 -8.85
CA GLY A 254 14.33 -11.75 -8.76
C GLY A 254 13.58 -11.00 -7.68
N LEU A 255 14.15 -9.87 -7.24
CA LEU A 255 13.47 -9.01 -6.26
C LEU A 255 13.05 -9.90 -5.10
N GLN A 256 14.05 -10.58 -4.55
CA GLN A 256 14.00 -11.53 -3.40
C GLN A 256 14.42 -12.91 -3.88
#